data_1ZHY
#
_entry.id   1ZHY
#
_cell.length_a   82.760
_cell.length_b   94.210
_cell.length_c   65.412
_cell.angle_alpha   90.00
_cell.angle_beta   96.27
_cell.angle_gamma   90.00
#
_symmetry.space_group_name_H-M   'C 1 2 1'
#
loop_
_entity.id
_entity.type
_entity.pdbx_description
1 polymer 'KES1 protein'
2 non-polymer 'LEAD (II) ION'
3 non-polymer CHOLESTEROL
4 water water
#
_entity_poly.entity_id   1
_entity_poly.type   'polypeptide(L)'
_entity_poly.pdbx_seq_one_letter_code
;GAMDPSQYASSSSWTSFLKSIASFNGDLSSLSAPPFILSPISLTEFSQYWAEHPELFLEPSFINDDNYKEHCLIDPEVES
PELARMLAVTKWFISTLKSQYCSRNESLGSEKKPLNPFLGELFVGKWENKEHPEFGETVLLSEQVSHHPPVTAFSIFNDK
NKVKLQGYNQIKASFTKSLMLTVKQFGHTMLDIKDESYLVTPPPLHIEGILVASPFVELEGKSYIQSSTGLLCVIEFSGR
GYFSGKKNSFKARIYKDSKDSKDKEKALYTISGQWSGSSKIIKANKKEESRLFYDAARIPAEHLNVKPLEEQHPLESRKA
WYDVAGAIKLGDFNLIAKTKTELEETQRELRKEEEAKGISWQRRWFKDFDYSVTPEEGALVPEKDDTFLKLASALNLSTK
NAPSGTLVGDKEDRKEDLSSIHWRFQRELWDEEKEIVL
;
_entity_poly.pdbx_strand_id   A
#
# COMPACT_ATOMS: atom_id res chain seq x y z
N MET A 3 22.56 6.33 21.55
CA MET A 3 23.03 7.74 21.40
C MET A 3 21.87 8.67 21.06
N ASP A 4 22.12 9.97 21.12
CA ASP A 4 21.10 10.95 20.80
C ASP A 4 21.00 11.06 19.29
N PRO A 5 19.81 11.35 18.75
CA PRO A 5 19.69 11.45 17.30
C PRO A 5 20.70 12.44 16.69
N SER A 6 21.08 13.44 17.48
CA SER A 6 22.03 14.45 17.00
C SER A 6 23.40 13.86 16.66
N GLN A 7 23.70 12.66 17.17
CA GLN A 7 25.00 12.05 16.89
C GLN A 7 24.92 10.87 15.92
N TYR A 8 23.73 10.59 15.41
CA TYR A 8 23.53 9.49 14.46
C TYR A 8 24.38 9.63 13.21
N ALA A 9 24.18 10.73 12.50
CA ALA A 9 24.87 10.99 11.24
C ALA A 9 26.38 10.84 11.21
N SER A 10 27.06 11.26 12.27
CA SER A 10 28.51 11.17 12.32
C SER A 10 29.05 9.94 13.04
N SER A 11 28.15 9.13 13.58
CA SER A 11 28.55 7.93 14.32
C SER A 11 29.27 6.93 13.42
N SER A 12 30.06 6.06 14.03
CA SER A 12 30.77 5.04 13.28
C SER A 12 29.73 4.12 12.64
N SER A 13 28.67 3.84 13.38
CA SER A 13 27.62 2.95 12.89
C SER A 13 26.98 3.47 11.61
N TRP A 14 26.63 4.74 11.60
CA TRP A 14 26.00 5.30 10.40
C TRP A 14 27.00 5.38 9.25
N THR A 15 28.24 5.75 9.56
CA THR A 15 29.25 5.83 8.52
C THR A 15 29.44 4.48 7.85
N SER A 16 29.51 3.42 8.65
CA SER A 16 29.68 2.07 8.12
C SER A 16 28.45 1.71 7.30
N PHE A 17 27.28 2.17 7.73
CA PHE A 17 26.06 1.88 6.99
C PHE A 17 26.12 2.55 5.61
N LEU A 18 26.47 3.83 5.59
CA LEU A 18 26.55 4.55 4.32
C LEU A 18 27.56 3.91 3.37
N LYS A 19 28.62 3.33 3.91
CA LYS A 19 29.63 2.70 3.07
C LYS A 19 29.13 1.38 2.50
N SER A 20 28.22 0.72 3.22
CA SER A 20 27.67 -0.53 2.75
C SER A 20 26.72 -0.23 1.60
N ILE A 21 26.19 0.98 1.58
CA ILE A 21 25.27 1.41 0.53
C ILE A 21 26.05 1.49 -0.78
N ALA A 22 27.28 1.95 -0.69
CA ALA A 22 28.15 2.11 -1.86
C ALA A 22 28.26 0.81 -2.65
N SER A 23 28.12 -0.31 -1.95
CA SER A 23 28.21 -1.62 -2.61
C SER A 23 26.88 -2.37 -2.56
N PHE A 24 25.78 -1.62 -2.53
CA PHE A 24 24.45 -2.21 -2.48
C PHE A 24 24.29 -3.24 -3.59
N ASN A 25 23.94 -4.47 -3.21
CA ASN A 25 23.77 -5.56 -4.16
C ASN A 25 22.36 -5.70 -4.72
N GLY A 26 21.47 -4.79 -4.32
CA GLY A 26 20.10 -4.85 -4.81
C GLY A 26 19.13 -5.33 -3.75
N ASP A 27 19.64 -6.00 -2.73
CA ASP A 27 18.81 -6.50 -1.64
C ASP A 27 19.00 -5.66 -0.38
N LEU A 28 17.98 -4.88 -0.03
CA LEU A 28 18.04 -4.01 1.14
C LEU A 28 18.39 -4.76 2.42
N SER A 29 18.05 -6.04 2.47
CA SER A 29 18.33 -6.86 3.64
C SER A 29 19.82 -7.07 3.89
N SER A 30 20.64 -6.72 2.91
CA SER A 30 22.09 -6.89 3.04
C SER A 30 22.78 -5.66 3.58
N LEU A 31 22.01 -4.61 3.88
CA LEU A 31 22.57 -3.38 4.41
C LEU A 31 22.85 -3.48 5.91
N SER A 32 23.96 -2.91 6.34
CA SER A 32 24.33 -2.93 7.75
C SER A 32 23.59 -1.81 8.46
N ALA A 33 22.28 -1.95 8.58
CA ALA A 33 21.46 -0.93 9.24
C ALA A 33 21.64 -1.03 10.75
N PRO A 34 22.12 0.06 11.38
CA PRO A 34 22.31 0.05 12.84
C PRO A 34 21.01 0.01 13.61
N PRO A 35 21.05 -0.50 14.86
CA PRO A 35 19.87 -0.61 15.71
C PRO A 35 18.98 0.63 15.77
N PHE A 36 19.58 1.82 15.86
CA PHE A 36 18.78 3.03 15.98
C PHE A 36 17.92 3.36 14.77
N ILE A 37 18.15 2.70 13.64
CA ILE A 37 17.35 2.98 12.46
C ILE A 37 16.40 1.82 12.15
N LEU A 38 16.36 0.84 13.03
CA LEU A 38 15.48 -0.32 12.84
C LEU A 38 14.10 -0.14 13.46
N SER A 39 13.08 -0.62 12.76
CA SER A 39 11.70 -0.57 13.25
C SER A 39 11.29 -1.97 13.67
N PRO A 40 10.51 -2.08 14.75
CA PRO A 40 10.07 -3.41 15.22
C PRO A 40 8.81 -3.88 14.51
N ILE A 41 8.40 -3.13 13.49
CA ILE A 41 7.18 -3.46 12.73
C ILE A 41 7.49 -4.11 11.39
N SER A 42 6.84 -5.24 11.12
CA SER A 42 7.04 -5.96 9.87
C SER A 42 6.22 -5.34 8.73
N LEU A 43 6.71 -5.47 7.50
CA LEU A 43 5.98 -4.95 6.35
C LEU A 43 4.61 -5.61 6.15
N THR A 44 4.39 -6.79 6.74
CA THR A 44 3.08 -7.42 6.60
C THR A 44 2.02 -6.57 7.29
N GLU A 45 2.44 -5.73 8.23
CA GLU A 45 1.51 -4.86 8.93
C GLU A 45 1.08 -3.63 8.13
N PHE A 46 1.87 -3.25 7.13
CA PHE A 46 1.56 -2.05 6.35
C PHE A 46 0.23 -2.08 5.61
N SER A 47 -0.30 -3.29 5.40
CA SER A 47 -1.58 -3.44 4.71
C SER A 47 -2.68 -2.72 5.46
N GLN A 48 -2.54 -2.59 6.78
CA GLN A 48 -3.57 -1.93 7.58
C GLN A 48 -3.74 -0.46 7.23
N TYR A 49 -2.73 0.13 6.59
CA TYR A 49 -2.77 1.54 6.24
C TYR A 49 -3.77 1.89 5.15
N TRP A 50 -4.42 0.87 4.59
CA TRP A 50 -5.41 1.11 3.55
C TRP A 50 -6.80 1.45 4.13
N ALA A 51 -7.00 1.31 5.44
CA ALA A 51 -8.32 1.59 5.99
C ALA A 51 -8.37 2.12 7.42
N GLU A 52 -7.43 2.98 7.77
CA GLU A 52 -7.41 3.53 9.12
C GLU A 52 -8.44 4.64 9.37
N HIS A 53 -9.30 4.87 8.39
CA HIS A 53 -10.40 5.83 8.55
C HIS A 53 -11.62 5.04 8.08
N PRO A 54 -12.16 4.20 8.99
CA PRO A 54 -13.33 3.35 8.72
C PRO A 54 -14.50 4.03 8.03
N GLU A 55 -14.82 5.24 8.45
CA GLU A 55 -15.93 5.96 7.86
C GLU A 55 -15.69 6.32 6.40
N LEU A 56 -14.44 6.64 6.06
CA LEU A 56 -14.12 7.00 4.68
C LEU A 56 -14.08 5.75 3.79
N PHE A 57 -13.64 4.63 4.36
CA PHE A 57 -13.56 3.37 3.62
C PHE A 57 -14.95 2.90 3.23
N LEU A 58 -15.90 3.07 4.14
CA LEU A 58 -17.26 2.61 3.90
C LEU A 58 -18.22 3.63 3.26
N GLU A 59 -17.89 4.91 3.33
CA GLU A 59 -18.77 5.95 2.77
C GLU A 59 -19.36 5.70 1.38
N PRO A 60 -18.54 5.22 0.42
CA PRO A 60 -19.11 4.99 -0.92
C PRO A 60 -20.31 4.05 -0.95
N SER A 61 -20.37 3.12 0.00
CA SER A 61 -21.46 2.15 0.04
C SER A 61 -22.78 2.75 0.54
N PHE A 62 -22.70 3.92 1.16
CA PHE A 62 -23.89 4.58 1.69
C PHE A 62 -24.49 5.58 0.70
N ILE A 63 -23.77 5.83 -0.39
CA ILE A 63 -24.22 6.78 -1.41
C ILE A 63 -25.06 6.07 -2.48
N ASN A 64 -26.32 6.49 -2.64
CA ASN A 64 -27.21 5.88 -3.62
C ASN A 64 -27.97 6.91 -4.45
N ASP A 65 -28.80 6.43 -5.37
CA ASP A 65 -29.58 7.30 -6.25
C ASP A 65 -30.50 8.27 -5.51
N ASP A 66 -30.88 7.93 -4.27
CA ASP A 66 -31.80 8.76 -3.51
C ASP A 66 -31.18 9.67 -2.44
N ASN A 67 -29.86 9.67 -2.29
CA ASN A 67 -29.25 10.52 -1.27
C ASN A 67 -27.88 11.06 -1.64
N TYR A 68 -27.40 10.77 -2.85
CA TYR A 68 -26.06 11.18 -3.24
C TYR A 68 -25.75 12.67 -3.13
N LYS A 69 -26.69 13.54 -3.49
CA LYS A 69 -26.44 14.97 -3.39
C LYS A 69 -26.36 15.42 -1.94
N GLU A 70 -27.19 14.80 -1.09
CA GLU A 70 -27.21 15.13 0.33
C GLU A 70 -25.95 14.65 1.05
N HIS A 71 -25.37 13.55 0.57
CA HIS A 71 -24.16 12.99 1.18
C HIS A 71 -22.89 13.73 0.75
N CYS A 72 -22.95 14.39 -0.40
CA CYS A 72 -21.78 15.08 -0.95
C CYS A 72 -21.59 16.51 -0.44
N LEU A 73 -20.83 16.65 0.64
CA LEU A 73 -20.57 17.95 1.24
C LEU A 73 -19.71 18.87 0.37
N ILE A 74 -18.72 18.29 -0.30
CA ILE A 74 -17.82 19.04 -1.15
C ILE A 74 -18.49 19.59 -2.40
N ASP A 75 -19.61 18.98 -2.79
CA ASP A 75 -20.36 19.44 -3.96
C ASP A 75 -21.80 18.94 -3.91
N PRO A 76 -22.68 19.70 -3.24
CA PRO A 76 -24.10 19.32 -3.12
C PRO A 76 -24.80 19.38 -4.47
N GLU A 77 -24.06 19.78 -5.50
CA GLU A 77 -24.59 19.88 -6.86
C GLU A 77 -23.98 18.79 -7.73
N VAL A 78 -23.33 17.82 -7.09
CA VAL A 78 -22.70 16.73 -7.83
C VAL A 78 -23.70 16.18 -8.84
N GLU A 79 -23.24 15.97 -10.08
CA GLU A 79 -24.10 15.51 -11.16
C GLU A 79 -24.64 14.09 -11.13
N SER A 80 -24.01 13.19 -10.38
CA SER A 80 -24.49 11.81 -10.35
C SER A 80 -23.98 11.04 -9.15
N PRO A 81 -24.64 9.91 -8.81
CA PRO A 81 -24.20 9.11 -7.67
C PRO A 81 -22.85 8.45 -7.97
N GLU A 82 -22.61 8.12 -9.23
CA GLU A 82 -21.34 7.52 -9.63
C GLU A 82 -20.22 8.52 -9.39
N LEU A 83 -20.47 9.77 -9.71
CA LEU A 83 -19.47 10.80 -9.51
C LEU A 83 -19.30 11.08 -8.03
N ALA A 84 -20.39 11.00 -7.28
CA ALA A 84 -20.33 11.24 -5.84
C ALA A 84 -19.45 10.16 -5.23
N ARG A 85 -19.64 8.92 -5.67
CA ARG A 85 -18.85 7.83 -5.15
C ARG A 85 -17.37 7.94 -5.57
N MET A 86 -17.10 8.45 -6.76
CA MET A 86 -15.70 8.60 -7.17
C MET A 86 -15.04 9.64 -6.27
N LEU A 87 -15.78 10.70 -5.93
CA LEU A 87 -15.24 11.73 -5.05
C LEU A 87 -14.95 11.11 -3.69
N ALA A 88 -15.85 10.26 -3.21
CA ALA A 88 -15.68 9.61 -1.91
C ALA A 88 -14.49 8.66 -1.93
N VAL A 89 -14.35 7.89 -3.00
CA VAL A 89 -13.22 6.97 -3.11
C VAL A 89 -11.92 7.75 -3.16
N THR A 90 -11.92 8.88 -3.85
CA THR A 90 -10.72 9.70 -3.95
C THR A 90 -10.35 10.24 -2.57
N LYS A 91 -11.34 10.70 -1.81
CA LYS A 91 -11.08 11.22 -0.47
C LYS A 91 -10.50 10.10 0.38
N TRP A 92 -11.07 8.90 0.27
CA TRP A 92 -10.55 7.76 1.03
C TRP A 92 -9.09 7.49 0.65
N PHE A 93 -8.79 7.41 -0.64
CA PHE A 93 -7.43 7.14 -1.07
C PHE A 93 -6.46 8.18 -0.50
N ILE A 94 -6.82 9.45 -0.60
CA ILE A 94 -5.95 10.51 -0.08
C ILE A 94 -5.75 10.32 1.42
N SER A 95 -6.81 9.94 2.13
CA SER A 95 -6.71 9.75 3.57
C SER A 95 -5.75 8.63 3.94
N THR A 96 -5.51 7.68 3.03
CA THR A 96 -4.59 6.59 3.37
C THR A 96 -3.13 7.01 3.33
N LEU A 97 -2.83 8.05 2.57
CA LEU A 97 -1.44 8.48 2.39
C LEU A 97 -0.66 8.80 3.67
N LYS A 98 -1.28 9.52 4.61
CA LYS A 98 -0.59 9.85 5.85
C LYS A 98 -0.25 8.57 6.60
N SER A 99 -1.18 7.61 6.62
CA SER A 99 -0.93 6.34 7.31
C SER A 99 0.19 5.59 6.63
N GLN A 100 0.09 5.44 5.32
CA GLN A 100 1.07 4.70 4.56
C GLN A 100 2.49 5.24 4.67
N TYR A 101 2.62 6.56 4.52
CA TYR A 101 3.93 7.17 4.45
C TYR A 101 4.45 8.04 5.57
N CYS A 102 3.66 8.26 6.61
CA CYS A 102 4.10 9.09 7.72
C CYS A 102 4.03 8.45 9.09
N SER A 103 3.39 7.29 9.19
CA SER A 103 3.21 6.63 10.48
C SER A 103 4.45 6.42 11.32
N ARG A 104 5.56 6.03 10.71
CA ARG A 104 6.78 5.80 11.48
C ARG A 104 7.43 7.10 11.97
N ASN A 105 7.35 8.16 11.17
CA ASN A 105 7.93 9.42 11.61
C ASN A 105 7.30 9.83 12.93
N GLU A 106 6.00 9.56 13.07
CA GLU A 106 5.28 9.92 14.28
C GLU A 106 5.48 8.97 15.45
N SER A 107 5.51 7.67 15.19
CA SER A 107 5.67 6.70 16.27
C SER A 107 7.12 6.35 16.62
N LEU A 108 8.03 6.53 15.66
CA LEU A 108 9.43 6.18 15.90
C LEU A 108 10.41 7.35 15.84
N GLY A 109 10.00 8.47 15.25
CA GLY A 109 10.88 9.62 15.18
C GLY A 109 11.41 9.92 13.80
N SER A 110 11.27 8.95 12.88
CA SER A 110 11.70 9.11 11.51
C SER A 110 11.30 7.84 10.78
N GLU A 111 11.47 7.82 9.46
CA GLU A 111 11.17 6.59 8.74
C GLU A 111 12.31 5.67 9.15
N LYS A 112 12.03 4.39 9.30
CA LYS A 112 13.07 3.43 9.68
C LYS A 112 12.97 2.17 8.83
N LYS A 113 13.96 1.29 8.98
CA LYS A 113 13.96 0.05 8.22
C LYS A 113 12.99 -0.93 8.84
N PRO A 114 11.95 -1.33 8.09
CA PRO A 114 10.97 -2.27 8.64
C PRO A 114 11.51 -3.70 8.61
N LEU A 115 10.89 -4.59 9.38
CA LEU A 115 11.32 -5.98 9.38
C LEU A 115 10.94 -6.58 8.03
N ASN A 116 11.85 -7.36 7.46
CA ASN A 116 11.62 -8.03 6.18
C ASN A 116 10.82 -9.28 6.54
N PRO A 117 9.54 -9.34 6.15
CA PRO A 117 8.72 -10.51 6.49
C PRO A 117 9.24 -11.86 6.04
N PHE A 118 8.89 -12.91 6.78
CA PHE A 118 9.30 -14.25 6.37
C PHE A 118 8.16 -14.82 5.52
N LEU A 119 8.49 -15.74 4.64
CA LEU A 119 7.49 -16.36 3.77
C LEU A 119 6.43 -17.06 4.60
N GLY A 120 5.18 -16.70 4.38
CA GLY A 120 4.09 -17.31 5.12
C GLY A 120 3.61 -16.50 6.31
N GLU A 121 4.32 -15.43 6.64
CA GLU A 121 3.93 -14.58 7.76
C GLU A 121 2.52 -14.03 7.56
N LEU A 122 1.74 -13.97 8.65
CA LEU A 122 0.38 -13.49 8.58
C LEU A 122 0.17 -12.32 9.53
N PHE A 123 -0.77 -11.45 9.20
CA PHE A 123 -1.13 -10.35 10.08
C PHE A 123 -2.62 -10.15 9.89
N VAL A 124 -3.39 -10.36 10.96
CA VAL A 124 -4.83 -10.25 10.89
C VAL A 124 -5.36 -9.42 12.05
N GLY A 125 -6.51 -8.81 11.82
CA GLY A 125 -7.13 -8.00 12.84
C GLY A 125 -8.46 -7.51 12.31
N LYS A 126 -9.09 -6.60 13.04
CA LYS A 126 -10.37 -6.09 12.60
C LYS A 126 -10.67 -4.74 13.21
N TRP A 127 -11.47 -3.95 12.51
CA TRP A 127 -11.92 -2.67 13.02
C TRP A 127 -13.34 -3.04 13.43
N GLU A 128 -13.61 -2.99 14.73
CA GLU A 128 -14.91 -3.36 15.24
C GLU A 128 -16.00 -2.32 14.98
N ASN A 129 -15.59 -1.06 14.81
CA ASN A 129 -16.53 0.03 14.54
C ASN A 129 -17.69 0.01 15.55
N LYS A 130 -17.35 -0.15 16.81
CA LYS A 130 -18.33 -0.20 17.89
C LYS A 130 -19.22 1.04 18.00
N GLU A 131 -18.65 2.22 17.75
CA GLU A 131 -19.41 3.45 17.84
C GLU A 131 -20.37 3.64 16.67
N HIS A 132 -20.30 2.73 15.70
CA HIS A 132 -21.16 2.83 14.51
C HIS A 132 -21.72 1.47 14.12
N PRO A 133 -22.84 1.04 14.72
CA PRO A 133 -23.46 -0.24 14.41
C PRO A 133 -23.83 -0.46 12.93
N GLU A 134 -24.03 0.63 12.20
CA GLU A 134 -24.39 0.53 10.79
C GLU A 134 -23.17 0.14 9.94
N PHE A 135 -21.97 0.33 10.49
CA PHE A 135 -20.75 -0.01 9.78
C PHE A 135 -20.49 -1.52 9.73
N GLY A 136 -20.56 -2.15 10.89
CA GLY A 136 -20.28 -3.57 10.95
C GLY A 136 -18.78 -3.73 11.08
N GLU A 137 -18.33 -4.96 11.28
CA GLU A 137 -16.91 -5.24 11.44
C GLU A 137 -16.18 -5.26 10.10
N THR A 138 -14.97 -4.70 10.08
CA THR A 138 -14.16 -4.69 8.86
C THR A 138 -12.92 -5.51 9.19
N VAL A 139 -12.69 -6.55 8.39
CA VAL A 139 -11.59 -7.47 8.61
C VAL A 139 -10.36 -7.21 7.75
N LEU A 140 -9.18 -7.43 8.33
CA LEU A 140 -7.93 -7.30 7.58
C LEU A 140 -7.19 -8.63 7.60
N LEU A 141 -6.80 -9.09 6.42
CA LEU A 141 -6.02 -10.30 6.27
C LEU A 141 -4.82 -9.87 5.43
N SER A 142 -3.62 -10.11 5.94
CA SER A 142 -2.41 -9.75 5.24
C SER A 142 -1.49 -10.97 5.32
N GLU A 143 -0.89 -11.35 4.19
CA GLU A 143 -0.02 -12.52 4.14
C GLU A 143 1.21 -12.28 3.26
N GLN A 144 2.36 -12.75 3.72
CA GLN A 144 3.58 -12.61 2.93
C GLN A 144 3.59 -13.79 1.96
N VAL A 145 3.24 -13.53 0.71
CA VAL A 145 3.18 -14.58 -0.29
C VAL A 145 4.51 -14.87 -0.99
N SER A 146 5.52 -14.04 -0.70
CA SER A 146 6.86 -14.25 -1.26
C SER A 146 7.89 -13.55 -0.40
N HIS A 147 9.06 -14.16 -0.28
CA HIS A 147 10.17 -13.61 0.50
C HIS A 147 11.28 -13.20 -0.46
N HIS A 148 11.41 -13.94 -1.56
CA HIS A 148 12.43 -13.69 -2.57
C HIS A 148 11.76 -13.54 -3.94
N PRO A 149 11.34 -12.32 -4.30
CA PRO A 149 11.43 -11.08 -3.54
C PRO A 149 10.27 -10.91 -2.57
N PRO A 150 10.35 -9.91 -1.69
CA PRO A 150 9.26 -9.68 -0.74
C PRO A 150 7.98 -9.23 -1.43
N VAL A 151 6.88 -9.91 -1.14
CA VAL A 151 5.59 -9.54 -1.71
C VAL A 151 4.56 -9.76 -0.61
N THR A 152 3.75 -8.73 -0.35
CA THR A 152 2.71 -8.82 0.66
C THR A 152 1.36 -8.74 -0.07
N ALA A 153 0.45 -9.66 0.23
CA ALA A 153 -0.88 -9.65 -0.35
C ALA A 153 -1.85 -9.35 0.77
N PHE A 154 -2.99 -8.72 0.45
CA PHE A 154 -3.92 -8.37 1.50
C PHE A 154 -5.35 -8.19 1.02
N SER A 155 -6.27 -8.26 1.98
CA SER A 155 -7.67 -8.03 1.71
C SER A 155 -8.26 -7.42 2.96
N ILE A 156 -9.11 -6.41 2.77
CA ILE A 156 -9.81 -5.73 3.85
C ILE A 156 -11.27 -5.76 3.40
N PHE A 157 -12.15 -6.36 4.19
CA PHE A 157 -13.53 -6.45 3.77
C PHE A 157 -14.57 -6.22 4.86
N ASN A 158 -15.68 -5.63 4.44
CA ASN A 158 -16.80 -5.34 5.33
C ASN A 158 -18.01 -6.02 4.69
N ASP A 159 -18.37 -7.19 5.21
CA ASP A 159 -19.48 -7.98 4.69
C ASP A 159 -20.84 -7.29 4.81
N LYS A 160 -21.05 -6.57 5.90
CA LYS A 160 -22.33 -5.90 6.13
C LYS A 160 -22.70 -4.94 5.02
N ASN A 161 -21.73 -4.13 4.58
CA ASN A 161 -21.98 -3.14 3.54
C ASN A 161 -21.44 -3.48 2.16
N LYS A 162 -20.97 -4.72 2.00
CA LYS A 162 -20.45 -5.18 0.73
C LYS A 162 -19.32 -4.32 0.17
N VAL A 163 -18.38 -3.97 1.04
CA VAL A 163 -17.22 -3.19 0.62
C VAL A 163 -16.01 -4.08 0.82
N LYS A 164 -15.32 -4.41 -0.26
CA LYS A 164 -14.15 -5.26 -0.13
C LYS A 164 -12.98 -4.76 -0.96
N LEU A 165 -11.79 -4.93 -0.39
CA LEU A 165 -10.57 -4.48 -1.03
C LEU A 165 -9.56 -5.61 -1.04
N GLN A 166 -8.80 -5.73 -2.12
CA GLN A 166 -7.77 -6.74 -2.16
C GLN A 166 -6.64 -6.18 -3.02
N GLY A 167 -5.43 -6.62 -2.75
CA GLY A 167 -4.31 -6.15 -3.54
C GLY A 167 -3.03 -6.79 -3.06
N TYR A 168 -1.92 -6.38 -3.67
CA TYR A 168 -0.62 -6.89 -3.26
C TYR A 168 0.40 -5.82 -3.56
N ASN A 169 1.56 -5.95 -2.91
CA ASN A 169 2.61 -4.96 -3.06
C ASN A 169 4.00 -5.59 -3.07
N GLN A 170 4.86 -5.01 -3.89
CA GLN A 170 6.26 -5.41 -4.03
C GLN A 170 7.01 -4.15 -4.45
N ILE A 171 8.28 -4.05 -4.09
CA ILE A 171 9.05 -2.89 -4.51
C ILE A 171 10.40 -3.31 -5.09
N LYS A 172 10.99 -2.38 -5.83
CA LYS A 172 12.31 -2.56 -6.38
C LYS A 172 12.98 -1.26 -5.99
N ALA A 173 14.05 -1.35 -5.21
CA ALA A 173 14.74 -0.16 -4.74
C ALA A 173 16.20 -0.13 -5.14
N SER A 174 16.70 1.08 -5.33
CA SER A 174 18.10 1.29 -5.70
C SER A 174 18.53 2.64 -5.17
N PHE A 175 19.83 2.81 -4.95
CA PHE A 175 20.35 4.08 -4.44
C PHE A 175 21.02 4.90 -5.53
N THR A 176 20.80 6.22 -5.48
CA THR A 176 21.44 7.11 -6.44
C THR A 176 22.80 7.42 -5.87
N LYS A 177 23.63 8.15 -6.61
CA LYS A 177 24.96 8.47 -6.13
C LYS A 177 24.88 9.44 -4.95
N SER A 178 23.79 10.19 -4.88
CA SER A 178 23.60 11.16 -3.80
C SER A 178 22.96 10.52 -2.57
N LEU A 179 22.84 9.19 -2.58
CA LEU A 179 22.27 8.43 -1.47
C LEU A 179 20.75 8.47 -1.33
N MET A 180 20.07 8.80 -2.42
CA MET A 180 18.62 8.83 -2.43
C MET A 180 18.19 7.39 -2.69
N LEU A 181 17.22 6.88 -1.94
CA LEU A 181 16.75 5.52 -2.19
C LEU A 181 15.53 5.66 -3.08
N THR A 182 15.68 5.24 -4.34
CA THR A 182 14.60 5.29 -5.31
C THR A 182 13.77 4.04 -5.13
N VAL A 183 12.45 4.20 -5.00
CA VAL A 183 11.57 3.07 -4.81
C VAL A 183 10.47 3.01 -5.85
N LYS A 184 10.39 1.90 -6.55
CA LYS A 184 9.33 1.73 -7.54
C LYS A 184 8.39 0.71 -6.93
N GLN A 185 7.12 1.05 -6.81
CA GLN A 185 6.17 0.09 -6.29
C GLN A 185 5.61 -0.73 -7.45
N PHE A 186 5.28 -1.97 -7.15
CA PHE A 186 4.68 -2.89 -8.11
C PHE A 186 3.43 -3.41 -7.45
N GLY A 187 2.44 -3.78 -8.27
CA GLY A 187 1.19 -4.28 -7.73
C GLY A 187 0.07 -3.27 -7.88
N HIS A 188 -1.11 -3.67 -7.42
CA HIS A 188 -2.26 -2.80 -7.48
C HIS A 188 -3.29 -3.28 -6.48
N THR A 189 -4.30 -2.45 -6.27
CA THR A 189 -5.35 -2.74 -5.31
C THR A 189 -6.71 -2.46 -5.93
N MET A 190 -7.66 -3.36 -5.68
CA MET A 190 -9.01 -3.21 -6.20
C MET A 190 -10.00 -3.06 -5.06
N LEU A 191 -10.89 -2.09 -5.21
CA LEU A 191 -11.90 -1.81 -4.20
C LEU A 191 -13.26 -2.03 -4.81
N ASP A 192 -14.06 -2.91 -4.22
CA ASP A 192 -15.40 -3.17 -4.71
C ASP A 192 -16.40 -2.57 -3.73
N ILE A 193 -17.28 -1.71 -4.25
CA ILE A 193 -18.32 -1.09 -3.45
C ILE A 193 -19.59 -1.69 -4.05
N LYS A 194 -20.13 -2.71 -3.40
CA LYS A 194 -21.30 -3.40 -3.92
C LYS A 194 -20.92 -3.94 -5.31
N ASP A 195 -21.64 -3.56 -6.36
CA ASP A 195 -21.31 -4.07 -7.69
C ASP A 195 -20.42 -3.14 -8.51
N GLU A 196 -19.95 -2.07 -7.87
CA GLU A 196 -19.11 -1.07 -8.52
C GLU A 196 -17.66 -1.33 -8.10
N SER A 197 -16.72 -1.22 -9.05
CA SER A 197 -15.33 -1.48 -8.73
C SER A 197 -14.39 -0.34 -9.04
N TYR A 198 -13.26 -0.30 -8.32
CA TYR A 198 -12.24 0.72 -8.50
C TYR A 198 -10.86 0.07 -8.46
N LEU A 199 -10.02 0.46 -9.41
CA LEU A 199 -8.65 -0.05 -9.48
C LEU A 199 -7.71 1.09 -9.10
N VAL A 200 -6.89 0.84 -8.08
CA VAL A 200 -5.96 1.85 -7.57
C VAL A 200 -4.51 1.40 -7.75
N THR A 201 -3.67 2.31 -8.24
CA THR A 201 -2.26 2.00 -8.41
C THR A 201 -1.41 2.91 -7.52
N PRO A 202 -0.53 2.31 -6.70
CA PRO A 202 0.34 3.07 -5.78
C PRO A 202 1.39 3.85 -6.55
N PRO A 203 1.88 4.97 -5.99
CA PRO A 203 2.88 5.79 -6.67
C PRO A 203 4.31 5.44 -6.35
N PRO A 204 5.24 5.90 -7.19
CA PRO A 204 6.66 5.65 -6.94
C PRO A 204 7.04 6.65 -5.85
N LEU A 205 8.20 6.47 -5.23
CA LEU A 205 8.62 7.38 -4.19
C LEU A 205 10.10 7.27 -3.98
N HIS A 206 10.65 8.16 -3.17
CA HIS A 206 12.05 8.07 -2.84
C HIS A 206 12.22 8.40 -1.36
N ILE A 207 13.26 7.85 -0.77
CA ILE A 207 13.52 8.10 0.63
C ILE A 207 14.69 9.07 0.72
N GLU A 208 14.46 10.25 1.28
CA GLU A 208 15.56 11.16 1.43
C GLU A 208 15.93 11.29 2.89
N GLY A 209 16.99 12.06 3.17
CA GLY A 209 17.42 12.24 4.54
C GLY A 209 18.31 11.12 5.03
N ILE A 210 18.80 10.29 4.13
CA ILE A 210 19.67 9.18 4.54
C ILE A 210 21.04 9.64 5.02
N LEU A 211 21.61 10.64 4.34
CA LEU A 211 22.92 11.13 4.75
C LEU A 211 22.91 11.66 6.17
N VAL A 212 21.86 12.41 6.53
CA VAL A 212 21.75 12.98 7.87
C VAL A 212 21.11 12.05 8.90
N ALA A 213 20.89 10.80 8.51
CA ALA A 213 20.31 9.79 9.40
C ALA A 213 18.90 10.12 9.92
N SER A 214 18.10 10.77 9.09
CA SER A 214 16.73 11.11 9.45
C SER A 214 15.91 10.92 8.18
N PRO A 215 15.67 9.67 7.79
CA PRO A 215 14.92 9.33 6.59
C PRO A 215 13.45 9.72 6.60
N PHE A 216 12.92 10.00 5.42
CA PHE A 216 11.53 10.32 5.27
C PHE A 216 11.11 10.07 3.84
N VAL A 217 9.85 9.73 3.65
CA VAL A 217 9.28 9.45 2.34
C VAL A 217 8.82 10.67 1.59
N GLU A 218 9.10 10.69 0.29
CA GLU A 218 8.61 11.76 -0.57
C GLU A 218 8.04 11.07 -1.80
N LEU A 219 6.75 11.26 -2.03
CA LEU A 219 6.08 10.66 -3.17
C LEU A 219 6.36 11.42 -4.45
N GLU A 220 6.27 10.70 -5.56
CA GLU A 220 6.48 11.29 -6.88
C GLU A 220 5.59 10.56 -7.88
N GLY A 221 5.69 10.93 -9.15
CA GLY A 221 4.90 10.26 -10.15
C GLY A 221 3.40 10.43 -10.00
N LYS A 222 2.66 9.40 -10.40
CA LYS A 222 1.20 9.44 -10.33
C LYS A 222 0.58 8.15 -9.83
N SER A 223 -0.67 8.27 -9.41
CA SER A 223 -1.50 7.14 -8.97
C SER A 223 -2.79 7.28 -9.76
N TYR A 224 -3.43 6.16 -10.05
CA TYR A 224 -4.69 6.18 -10.78
C TYR A 224 -5.78 5.50 -9.98
N ILE A 225 -7.01 5.93 -10.20
CA ILE A 225 -8.18 5.33 -9.59
C ILE A 225 -9.16 5.21 -10.76
N GLN A 226 -9.23 4.01 -11.32
CA GLN A 226 -10.12 3.75 -12.46
C GLN A 226 -11.35 2.98 -11.99
N SER A 227 -12.53 3.55 -12.26
CA SER A 227 -13.78 2.92 -11.85
C SER A 227 -14.48 2.18 -12.98
N SER A 228 -15.32 1.23 -12.60
CA SER A 228 -16.09 0.45 -13.57
C SER A 228 -17.13 1.36 -14.21
N THR A 229 -17.31 2.54 -13.63
CA THR A 229 -18.27 3.53 -14.13
C THR A 229 -17.64 4.32 -15.28
N GLY A 230 -16.36 4.08 -15.52
CA GLY A 230 -15.66 4.81 -16.57
C GLY A 230 -14.87 5.97 -16.00
N LEU A 231 -15.36 6.53 -14.89
CA LEU A 231 -14.69 7.66 -14.26
C LEU A 231 -13.26 7.28 -13.88
N LEU A 232 -12.37 8.25 -13.97
CA LEU A 232 -10.96 8.05 -13.67
C LEU A 232 -10.39 9.24 -12.90
N CYS A 233 -9.64 8.97 -11.85
CA CYS A 233 -9.00 10.03 -11.09
C CYS A 233 -7.50 9.84 -11.28
N VAL A 234 -6.82 10.93 -11.63
CA VAL A 234 -5.38 10.90 -11.83
C VAL A 234 -4.76 11.77 -10.75
N ILE A 235 -3.95 11.17 -9.87
CA ILE A 235 -3.32 11.90 -8.80
C ILE A 235 -1.83 12.07 -9.07
N GLU A 236 -1.37 13.32 -9.13
CA GLU A 236 0.03 13.64 -9.38
C GLU A 236 0.70 14.15 -8.11
N PHE A 237 1.84 13.57 -7.75
CA PHE A 237 2.56 13.99 -6.55
C PHE A 237 3.80 14.84 -6.86
N SER A 238 4.01 15.88 -6.06
CA SER A 238 5.16 16.77 -6.22
C SER A 238 5.61 17.23 -4.83
N GLY A 239 6.46 18.25 -4.77
CA GLY A 239 6.90 18.72 -3.47
C GLY A 239 8.25 19.41 -3.50
N ARG A 240 8.93 19.42 -2.34
CA ARG A 240 10.22 20.06 -2.23
C ARG A 240 11.23 19.38 -3.15
N GLY A 241 12.04 20.18 -3.82
CA GLY A 241 13.03 19.64 -4.73
C GLY A 241 12.44 19.38 -6.10
N TYR A 242 11.10 19.42 -6.20
CA TYR A 242 10.44 19.19 -7.47
C TYR A 242 9.65 20.38 -7.99
N PHE A 243 8.79 20.13 -8.97
CA PHE A 243 8.02 21.21 -9.59
C PHE A 243 7.29 22.19 -8.67
N SER A 244 6.48 21.67 -7.75
CA SER A 244 5.72 22.51 -6.85
C SER A 244 6.55 23.26 -5.81
N GLY A 245 7.43 22.53 -5.13
CA GLY A 245 8.26 23.13 -4.10
C GLY A 245 7.55 23.12 -2.76
N LYS A 246 6.34 22.56 -2.75
CA LYS A 246 5.53 22.47 -1.54
C LYS A 246 5.53 21.03 -1.00
N LYS A 247 5.98 20.85 0.24
CA LYS A 247 6.04 19.53 0.86
C LYS A 247 4.76 18.69 0.79
N ASN A 248 4.91 17.45 0.36
CA ASN A 248 3.80 16.50 0.24
C ASN A 248 2.62 17.05 -0.55
N SER A 249 2.89 17.72 -1.66
CA SER A 249 1.82 18.28 -2.46
C SER A 249 1.28 17.29 -3.47
N PHE A 250 0.06 17.53 -3.91
CA PHE A 250 -0.56 16.67 -4.91
C PHE A 250 -1.66 17.46 -5.61
N LYS A 251 -2.02 16.96 -6.79
CA LYS A 251 -3.08 17.55 -7.58
C LYS A 251 -3.79 16.35 -8.16
N ALA A 252 -5.10 16.25 -7.93
CA ALA A 252 -5.87 15.15 -8.44
C ALA A 252 -6.98 15.68 -9.34
N ARG A 253 -7.13 15.08 -10.52
CA ARG A 253 -8.17 15.49 -11.45
C ARG A 253 -9.06 14.31 -11.78
N ILE A 254 -10.36 14.54 -11.79
CA ILE A 254 -11.32 13.48 -12.09
C ILE A 254 -11.88 13.71 -13.50
N TYR A 255 -11.89 12.66 -14.31
CA TYR A 255 -12.39 12.74 -15.68
C TYR A 255 -13.52 11.77 -15.95
N LYS A 256 -14.31 12.05 -16.99
CA LYS A 256 -15.42 11.18 -17.38
C LYS A 256 -14.89 9.80 -17.77
N ASP A 257 -13.69 9.78 -18.34
CA ASP A 257 -13.04 8.53 -18.75
C ASP A 257 -11.57 8.78 -19.07
N SER A 258 -10.81 7.71 -19.24
CA SER A 258 -9.38 7.82 -19.53
C SER A 258 -9.12 8.63 -20.81
N LYS A 259 -10.09 8.59 -21.72
CA LYS A 259 -9.98 9.33 -22.97
C LYS A 259 -9.86 10.83 -22.70
N ASP A 260 -10.66 11.32 -21.77
CA ASP A 260 -10.66 12.74 -21.40
C ASP A 260 -9.46 13.15 -20.56
N SER A 261 -8.84 12.18 -19.88
CA SER A 261 -7.69 12.47 -19.02
C SER A 261 -6.48 12.98 -19.81
N LYS A 262 -6.56 12.91 -21.12
CA LYS A 262 -5.47 13.36 -21.99
C LYS A 262 -5.51 14.88 -22.15
N ASP A 263 -6.62 15.48 -21.70
CA ASP A 263 -6.82 16.92 -21.78
C ASP A 263 -7.23 17.44 -20.40
N LYS A 264 -6.26 17.99 -19.67
CA LYS A 264 -6.53 18.50 -18.33
C LYS A 264 -7.70 19.48 -18.25
N GLU A 265 -8.02 20.14 -19.36
CA GLU A 265 -9.12 21.10 -19.37
C GLU A 265 -10.45 20.38 -19.24
N LYS A 266 -10.46 19.07 -19.50
CA LYS A 266 -11.68 18.29 -19.42
C LYS A 266 -11.96 17.78 -18.01
N ALA A 267 -11.07 18.08 -17.07
CA ALA A 267 -11.25 17.64 -15.69
C ALA A 267 -12.57 18.15 -15.11
N LEU A 268 -13.32 17.26 -14.47
CA LEU A 268 -14.59 17.61 -13.84
C LEU A 268 -14.33 18.33 -12.52
N TYR A 269 -13.28 17.91 -11.83
CA TYR A 269 -12.88 18.53 -10.57
C TYR A 269 -11.36 18.53 -10.50
N THR A 270 -10.81 19.47 -9.76
CA THR A 270 -9.37 19.55 -9.56
C THR A 270 -9.16 19.73 -8.06
N ILE A 271 -8.45 18.78 -7.46
CA ILE A 271 -8.17 18.81 -6.04
C ILE A 271 -6.69 19.08 -5.86
N SER A 272 -6.33 20.00 -4.98
CA SER A 272 -4.93 20.33 -4.76
C SER A 272 -4.63 20.68 -3.32
N GLY A 273 -3.42 20.33 -2.88
CA GLY A 273 -3.02 20.62 -1.52
C GLY A 273 -1.97 19.65 -1.04
N GLN A 274 -1.93 19.42 0.27
CA GLN A 274 -0.95 18.50 0.84
C GLN A 274 -1.66 17.27 1.37
N TRP A 275 -1.21 16.07 0.98
CA TRP A 275 -1.86 14.87 1.44
C TRP A 275 -1.64 14.60 2.92
N SER A 276 -0.66 15.27 3.51
CA SER A 276 -0.40 15.09 4.93
C SER A 276 -1.03 16.26 5.69
N GLY A 277 -1.74 17.10 4.96
CA GLY A 277 -2.39 18.25 5.55
C GLY A 277 -3.74 18.54 4.91
N SER A 278 -3.94 19.78 4.48
CA SER A 278 -5.21 20.17 3.87
C SER A 278 -5.15 20.32 2.35
N SER A 279 -6.29 20.05 1.71
CA SER A 279 -6.40 20.17 0.27
C SER A 279 -7.78 20.74 -0.05
N LYS A 280 -7.86 21.45 -1.18
CA LYS A 280 -9.10 22.08 -1.61
C LYS A 280 -9.57 21.46 -2.91
N ILE A 281 -10.84 21.67 -3.24
CA ILE A 281 -11.41 21.14 -4.46
C ILE A 281 -12.12 22.24 -5.24
N ILE A 282 -11.91 22.25 -6.55
CA ILE A 282 -12.52 23.22 -7.45
C ILE A 282 -13.29 22.42 -8.49
N LYS A 283 -14.52 22.84 -8.78
CA LYS A 283 -15.34 22.15 -9.76
C LYS A 283 -15.15 22.81 -11.12
N ALA A 284 -15.17 21.99 -12.17
CA ALA A 284 -15.00 22.48 -13.54
C ALA A 284 -13.75 23.34 -13.60
N ASN A 285 -13.93 24.65 -13.82
CA ASN A 285 -12.79 25.55 -13.89
C ASN A 285 -13.07 26.81 -13.08
N LYS A 286 -14.05 26.73 -12.19
CA LYS A 286 -14.40 27.86 -11.34
C LYS A 286 -13.37 28.05 -10.24
N LYS A 287 -12.17 28.43 -10.64
CA LYS A 287 -11.07 28.65 -9.70
C LYS A 287 -11.52 29.54 -8.56
N GLU A 288 -12.40 30.49 -8.87
CA GLU A 288 -12.91 31.42 -7.87
C GLU A 288 -13.47 30.70 -6.65
N GLU A 289 -14.35 29.74 -6.89
CA GLU A 289 -14.97 28.99 -5.81
C GLU A 289 -14.25 27.67 -5.54
N SER A 290 -13.83 27.48 -4.29
CA SER A 290 -13.15 26.26 -3.88
C SER A 290 -13.62 25.93 -2.48
N ARG A 291 -13.60 24.64 -2.15
CA ARG A 291 -14.02 24.18 -0.83
C ARG A 291 -12.97 23.26 -0.24
N LEU A 292 -13.01 23.08 1.08
CA LEU A 292 -12.07 22.20 1.75
C LEU A 292 -12.42 20.78 1.31
N PHE A 293 -11.42 20.04 0.85
CA PHE A 293 -11.65 18.66 0.40
C PHE A 293 -11.31 17.69 1.53
N TYR A 294 -10.11 17.84 2.09
CA TYR A 294 -9.67 16.95 3.15
C TYR A 294 -8.58 17.62 4.00
N ASP A 295 -8.67 17.46 5.31
CA ASP A 295 -7.66 17.99 6.23
C ASP A 295 -7.23 16.81 7.09
N ALA A 296 -6.06 16.25 6.78
CA ALA A 296 -5.54 15.09 7.48
C ALA A 296 -5.29 15.27 8.97
N ALA A 297 -5.17 16.51 9.42
CA ALA A 297 -4.90 16.76 10.83
C ALA A 297 -6.12 16.69 11.74
N ARG A 298 -7.31 16.85 11.18
CA ARG A 298 -8.53 16.86 11.99
C ARG A 298 -9.10 15.54 12.49
N ILE A 299 -8.89 14.45 11.77
CA ILE A 299 -9.43 13.17 12.21
C ILE A 299 -8.32 12.14 12.38
N PRO A 300 -8.00 11.78 13.63
CA PRO A 300 -6.95 10.81 13.94
C PRO A 300 -7.23 9.45 13.34
N ALA A 301 -6.16 8.77 12.93
CA ALA A 301 -6.31 7.44 12.36
C ALA A 301 -6.78 6.49 13.47
N GLU A 302 -7.60 5.52 13.08
CA GLU A 302 -8.11 4.52 14.02
C GLU A 302 -7.39 3.22 13.72
N HIS A 303 -6.64 2.71 14.69
CA HIS A 303 -5.89 1.49 14.51
C HIS A 303 -6.76 0.26 14.74
N LEU A 304 -6.55 -0.77 13.92
CA LEU A 304 -7.36 -1.96 14.03
C LEU A 304 -7.09 -2.71 15.33
N ASN A 305 -8.03 -3.58 15.68
CA ASN A 305 -7.89 -4.39 16.88
C ASN A 305 -7.14 -5.67 16.54
N VAL A 306 -6.09 -5.94 17.30
CA VAL A 306 -5.30 -7.14 17.11
C VAL A 306 -5.38 -7.91 18.43
N LYS A 307 -5.59 -9.22 18.35
CA LYS A 307 -5.70 -10.05 19.54
C LYS A 307 -4.43 -9.97 20.39
N PRO A 308 -4.53 -10.27 21.69
CA PRO A 308 -3.34 -10.21 22.54
C PRO A 308 -2.32 -11.24 22.06
N LEU A 309 -1.04 -10.94 22.26
CA LEU A 309 0.04 -11.84 21.86
C LEU A 309 -0.15 -13.26 22.37
N GLU A 310 -0.67 -13.37 23.57
CA GLU A 310 -0.88 -14.67 24.20
C GLU A 310 -1.82 -15.57 23.41
N GLU A 311 -2.67 -14.98 22.58
CA GLU A 311 -3.63 -15.74 21.79
C GLU A 311 -3.23 -15.92 20.32
N GLN A 312 -2.15 -15.27 19.91
CA GLN A 312 -1.72 -15.36 18.52
C GLN A 312 -1.08 -16.68 18.08
N HIS A 313 -1.36 -17.02 16.83
CA HIS A 313 -0.85 -18.22 16.17
C HIS A 313 0.62 -17.97 15.84
N PRO A 314 1.45 -19.03 15.79
CA PRO A 314 2.88 -18.89 15.49
C PRO A 314 3.24 -18.12 14.23
N LEU A 315 2.37 -18.15 13.22
CA LEU A 315 2.65 -17.44 11.98
C LEU A 315 2.27 -15.97 12.03
N GLU A 316 1.53 -15.56 13.05
CA GLU A 316 1.14 -14.16 13.16
C GLU A 316 2.37 -13.29 13.42
N SER A 317 2.47 -12.21 12.66
CA SER A 317 3.61 -11.30 12.69
C SER A 317 4.20 -10.94 14.03
N ARG A 318 3.41 -10.32 14.89
CA ARG A 318 3.92 -9.88 16.18
C ARG A 318 4.38 -11.02 17.08
N LYS A 319 3.72 -12.17 16.99
CA LYS A 319 4.09 -13.33 17.78
C LYS A 319 5.43 -13.87 17.28
N ALA A 320 5.55 -14.02 15.97
CA ALA A 320 6.77 -14.55 15.35
C ALA A 320 7.99 -13.66 15.55
N TRP A 321 7.79 -12.35 15.46
CA TRP A 321 8.87 -11.38 15.60
C TRP A 321 9.09 -10.87 17.01
N TYR A 322 8.32 -11.39 17.96
CA TYR A 322 8.40 -10.93 19.34
C TYR A 322 9.82 -10.71 19.90
N ASP A 323 10.65 -11.73 19.82
CA ASP A 323 12.02 -11.61 20.34
C ASP A 323 12.85 -10.55 19.64
N VAL A 324 12.69 -10.44 18.32
CA VAL A 324 13.45 -9.46 17.56
C VAL A 324 12.96 -8.05 17.92
N ALA A 325 11.63 -7.89 17.96
CA ALA A 325 11.04 -6.60 18.30
C ALA A 325 11.54 -6.15 19.67
N GLY A 326 11.58 -7.08 20.62
CA GLY A 326 12.04 -6.75 21.96
C GLY A 326 13.49 -6.31 21.97
N ALA A 327 14.33 -6.99 21.18
CA ALA A 327 15.74 -6.65 21.11
C ALA A 327 15.94 -5.28 20.46
N ILE A 328 15.10 -4.96 19.48
CA ILE A 328 15.19 -3.67 18.81
C ILE A 328 14.83 -2.56 19.80
N LYS A 329 13.79 -2.79 20.59
CA LYS A 329 13.38 -1.78 21.55
C LYS A 329 14.47 -1.53 22.59
N LEU A 330 15.25 -2.56 22.89
CA LEU A 330 16.34 -2.45 23.85
C LEU A 330 17.59 -1.84 23.21
N GLY A 331 17.68 -1.93 21.89
CA GLY A 331 18.83 -1.39 21.19
C GLY A 331 20.07 -2.24 21.40
N ASP A 332 19.86 -3.51 21.71
CA ASP A 332 20.95 -4.46 21.95
C ASP A 332 21.49 -5.00 20.64
N PHE A 333 22.64 -4.48 20.21
CA PHE A 333 23.28 -4.90 18.97
C PHE A 333 23.34 -6.42 18.80
N ASN A 334 23.99 -7.08 19.75
CA ASN A 334 24.15 -8.52 19.69
C ASN A 334 22.85 -9.31 19.76
N LEU A 335 21.93 -8.89 20.61
CA LEU A 335 20.66 -9.60 20.73
C LEU A 335 19.82 -9.46 19.47
N ILE A 336 19.91 -8.32 18.81
CA ILE A 336 19.16 -8.10 17.58
C ILE A 336 19.68 -9.08 16.52
N ALA A 337 21.00 -9.13 16.37
CA ALA A 337 21.61 -10.02 15.40
C ALA A 337 21.30 -11.48 15.72
N LYS A 338 21.30 -11.82 17.00
CA LYS A 338 21.04 -13.18 17.45
C LYS A 338 19.62 -13.62 17.17
N THR A 339 18.65 -12.82 17.62
CA THR A 339 17.24 -13.15 17.42
C THR A 339 16.83 -13.13 15.95
N LYS A 340 17.34 -12.16 15.18
CA LYS A 340 16.98 -12.09 13.77
C LYS A 340 17.58 -13.27 13.01
N THR A 341 18.84 -13.59 13.29
CA THR A 341 19.50 -14.71 12.62
C THR A 341 18.79 -16.02 12.94
N GLU A 342 18.34 -16.15 14.19
CA GLU A 342 17.65 -17.36 14.62
C GLU A 342 16.40 -17.61 13.77
N LEU A 343 15.59 -16.57 13.61
CA LEU A 343 14.37 -16.71 12.82
C LEU A 343 14.66 -16.92 11.35
N GLU A 344 15.58 -16.14 10.80
CA GLU A 344 15.89 -16.24 9.38
C GLU A 344 16.64 -17.50 9.01
N GLU A 345 17.39 -18.07 9.96
CA GLU A 345 18.12 -19.30 9.66
C GLU A 345 17.12 -20.46 9.65
N THR A 346 16.14 -20.41 10.54
CA THR A 346 15.11 -21.45 10.59
C THR A 346 14.40 -21.45 9.24
N GLN A 347 14.17 -20.25 8.69
CA GLN A 347 13.50 -20.13 7.41
C GLN A 347 14.38 -20.70 6.28
N ARG A 348 15.68 -20.44 6.36
CA ARG A 348 16.62 -20.95 5.36
C ARG A 348 16.52 -22.47 5.31
N GLU A 349 16.56 -23.08 6.49
CA GLU A 349 16.49 -24.54 6.63
C GLU A 349 15.20 -25.07 5.98
N LEU A 350 14.11 -24.32 6.20
CA LEU A 350 12.82 -24.70 5.65
C LEU A 350 12.88 -24.70 4.12
N ARG A 351 13.48 -23.65 3.56
CA ARG A 351 13.59 -23.51 2.11
C ARG A 351 14.47 -24.61 1.51
N LYS A 352 15.58 -24.92 2.16
CA LYS A 352 16.48 -25.95 1.66
C LYS A 352 15.82 -27.31 1.68
N GLU A 353 15.02 -27.58 2.71
CA GLU A 353 14.32 -28.85 2.81
C GLU A 353 13.31 -28.95 1.67
N GLU A 354 12.59 -27.86 1.43
CA GLU A 354 11.60 -27.82 0.36
C GLU A 354 12.21 -28.07 -1.01
N GLU A 355 13.33 -27.41 -1.30
CA GLU A 355 14.01 -27.58 -2.58
C GLU A 355 14.49 -28.99 -2.83
N ALA A 356 15.07 -29.62 -1.81
CA ALA A 356 15.60 -30.97 -1.95
C ALA A 356 14.53 -32.06 -1.87
N LYS A 357 13.44 -31.78 -1.16
CA LYS A 357 12.36 -32.76 -0.99
C LYS A 357 11.27 -32.63 -2.05
N GLY A 358 11.40 -31.64 -2.93
CA GLY A 358 10.41 -31.44 -3.97
C GLY A 358 9.08 -30.95 -3.45
N ILE A 359 9.13 -30.10 -2.43
CA ILE A 359 7.93 -29.54 -1.82
C ILE A 359 7.93 -28.03 -1.99
N SER A 360 6.74 -27.44 -2.08
CA SER A 360 6.62 -26.00 -2.24
C SER A 360 5.72 -25.45 -1.14
N TRP A 361 6.03 -24.25 -0.65
CA TRP A 361 5.24 -23.64 0.40
C TRP A 361 3.88 -23.24 -0.20
N GLN A 362 2.81 -23.67 0.45
CA GLN A 362 1.47 -23.36 -0.01
C GLN A 362 0.95 -22.07 0.66
N ARG A 363 0.60 -21.10 -0.18
CA ARG A 363 0.08 -19.83 0.31
C ARG A 363 -1.29 -20.12 0.95
N ARG A 364 -1.58 -19.39 2.02
CA ARG A 364 -2.81 -19.62 2.78
C ARG A 364 -4.15 -19.08 2.28
N TRP A 365 -4.20 -17.78 1.97
CA TRP A 365 -5.46 -17.19 1.52
C TRP A 365 -5.37 -16.50 0.16
N PHE A 366 -4.19 -16.56 -0.45
CA PHE A 366 -3.99 -15.95 -1.75
C PHE A 366 -3.32 -16.93 -2.69
N LYS A 367 -3.59 -16.79 -3.98
CA LYS A 367 -3.02 -17.65 -4.99
C LYS A 367 -2.54 -16.78 -6.14
N ASP A 368 -1.49 -17.21 -6.83
CA ASP A 368 -0.95 -16.42 -7.92
C ASP A 368 -1.53 -16.79 -9.29
N PHE A 369 -2.30 -15.86 -9.84
CA PHE A 369 -2.94 -16.05 -11.14
C PHE A 369 -2.06 -15.58 -12.27
N ASP A 370 -1.95 -16.40 -13.31
CA ASP A 370 -1.12 -16.06 -14.47
C ASP A 370 -2.02 -15.42 -15.53
N TYR A 371 -1.81 -14.12 -15.77
CA TYR A 371 -2.60 -13.37 -16.76
C TYR A 371 -1.98 -13.42 -18.15
N SER A 372 -0.89 -14.17 -18.29
CA SER A 372 -0.19 -14.28 -19.57
C SER A 372 -1.02 -14.99 -20.65
N VAL A 373 -0.79 -14.62 -21.91
CA VAL A 373 -1.50 -15.24 -23.02
C VAL A 373 -1.14 -16.73 -23.04
N THR A 374 0.09 -17.03 -22.63
CA THR A 374 0.57 -18.40 -22.55
C THR A 374 0.96 -18.64 -21.10
N PRO A 375 -0.04 -18.93 -20.24
CA PRO A 375 0.18 -19.16 -18.82
C PRO A 375 0.84 -20.50 -18.49
N GLU A 376 1.41 -20.57 -17.28
CA GLU A 376 2.04 -21.79 -16.80
C GLU A 376 0.92 -22.82 -16.80
N GLU A 377 1.21 -24.04 -17.24
CA GLU A 377 0.18 -25.08 -17.33
C GLU A 377 -0.56 -25.44 -16.04
N GLY A 378 0.06 -25.25 -14.90
CA GLY A 378 -0.61 -25.60 -13.66
C GLY A 378 -1.19 -24.40 -12.91
N ALA A 379 -0.92 -23.21 -13.41
CA ALA A 379 -1.37 -21.98 -12.78
C ALA A 379 -2.85 -21.69 -12.93
N LEU A 380 -3.39 -20.93 -11.98
CA LEU A 380 -4.78 -20.53 -12.01
C LEU A 380 -4.82 -19.37 -12.99
N VAL A 381 -5.90 -19.27 -13.77
CA VAL A 381 -6.01 -18.20 -14.75
C VAL A 381 -7.26 -17.36 -14.47
N PRO A 382 -7.26 -16.10 -14.92
CA PRO A 382 -8.40 -15.21 -14.70
C PRO A 382 -9.69 -15.61 -15.40
N GLU A 383 -10.81 -15.26 -14.78
CA GLU A 383 -12.13 -15.56 -15.34
C GLU A 383 -12.36 -14.61 -16.51
N LYS A 384 -13.34 -14.94 -17.34
CA LYS A 384 -13.66 -14.11 -18.50
C LYS A 384 -14.07 -12.70 -18.08
N ASP A 385 -14.87 -12.60 -17.02
CA ASP A 385 -15.34 -11.32 -16.53
C ASP A 385 -14.44 -10.73 -15.45
N ASP A 386 -13.15 -11.10 -15.48
CA ASP A 386 -12.19 -10.61 -14.50
C ASP A 386 -12.24 -9.10 -14.35
N THR A 387 -12.35 -8.64 -13.12
CA THR A 387 -12.41 -7.20 -12.85
C THR A 387 -11.14 -6.45 -13.21
N PHE A 388 -9.98 -6.99 -12.84
CA PHE A 388 -8.73 -6.31 -13.16
C PHE A 388 -8.58 -6.12 -14.66
N LEU A 389 -8.89 -7.17 -15.44
CA LEU A 389 -8.79 -7.07 -16.87
C LEU A 389 -9.66 -5.96 -17.44
N LYS A 390 -10.89 -5.87 -16.96
CA LYS A 390 -11.79 -4.85 -17.48
C LYS A 390 -11.42 -3.44 -17.08
N LEU A 391 -10.91 -3.27 -15.86
CA LEU A 391 -10.53 -1.95 -15.39
C LEU A 391 -9.19 -1.54 -16.01
N ALA A 392 -8.28 -2.50 -16.16
CA ALA A 392 -6.98 -2.21 -16.77
C ALA A 392 -7.22 -1.82 -18.23
N SER A 393 -8.17 -2.48 -18.87
CA SER A 393 -8.48 -2.17 -20.26
C SER A 393 -8.99 -0.74 -20.36
N ALA A 394 -9.90 -0.37 -19.46
CA ALA A 394 -10.48 0.97 -19.45
C ALA A 394 -9.43 2.05 -19.26
N LEU A 395 -8.43 1.74 -18.44
CA LEU A 395 -7.35 2.67 -18.12
C LEU A 395 -6.19 2.58 -19.12
N ASN A 396 -6.20 1.52 -19.92
CA ASN A 396 -5.13 1.24 -20.88
C ASN A 396 -3.88 0.98 -20.07
N LEU A 397 -4.07 0.27 -18.96
CA LEU A 397 -2.99 -0.09 -18.04
C LEU A 397 -2.38 -1.43 -18.43
N SER A 398 -1.06 -1.53 -18.36
CA SER A 398 -0.37 -2.77 -18.67
C SER A 398 -0.77 -3.82 -17.64
N THR A 399 -0.99 -5.06 -18.08
CA THR A 399 -1.35 -6.14 -17.17
C THR A 399 -0.12 -6.96 -16.81
N LYS A 400 1.05 -6.51 -17.24
CA LYS A 400 2.30 -7.19 -16.96
C LYS A 400 2.83 -6.78 -15.59
N ASN A 401 3.88 -7.46 -15.14
CA ASN A 401 4.48 -7.15 -13.85
C ASN A 401 5.44 -5.97 -13.96
N ALA A 402 4.93 -4.87 -14.52
CA ALA A 402 5.71 -3.64 -14.68
C ALA A 402 5.39 -2.76 -13.46
N PRO A 403 6.15 -1.67 -13.26
CA PRO A 403 5.89 -0.80 -12.11
C PRO A 403 4.42 -0.37 -12.07
N SER A 404 3.90 -0.21 -10.86
CA SER A 404 2.52 0.22 -10.70
C SER A 404 2.21 1.46 -11.53
N GLY A 405 1.10 1.42 -12.28
CA GLY A 405 0.73 2.55 -13.09
C GLY A 405 1.28 2.57 -14.51
N THR A 406 2.06 1.55 -14.86
CA THR A 406 2.63 1.48 -16.21
C THR A 406 1.50 1.31 -17.21
N LEU A 407 1.47 2.15 -18.24
CA LEU A 407 0.44 2.06 -19.27
C LEU A 407 0.91 1.23 -20.45
N VAL A 408 -0.04 0.68 -21.21
CA VAL A 408 0.28 -0.12 -22.38
C VAL A 408 1.07 0.74 -23.36
N GLY A 409 2.23 0.24 -23.78
CA GLY A 409 3.04 1.00 -24.72
C GLY A 409 4.24 1.68 -24.06
N ASP A 410 4.17 1.87 -22.73
CA ASP A 410 5.26 2.51 -22.02
C ASP A 410 6.50 1.63 -22.12
N LYS A 411 7.68 2.22 -21.94
CA LYS A 411 8.91 1.44 -22.03
C LYS A 411 8.88 0.20 -21.16
N GLU A 412 8.38 0.34 -19.93
CA GLU A 412 8.30 -0.77 -19.00
C GLU A 412 7.39 -1.90 -19.48
N ASP A 413 6.38 -1.56 -20.28
CA ASP A 413 5.46 -2.57 -20.79
C ASP A 413 6.03 -3.30 -21.99
N ARG A 414 6.98 -2.67 -22.68
CA ARG A 414 7.60 -3.27 -23.85
C ARG A 414 8.85 -4.06 -23.48
N LYS A 415 9.06 -4.25 -22.19
CA LYS A 415 10.22 -5.00 -21.70
C LYS A 415 10.05 -6.45 -22.13
N GLU A 416 11.09 -7.01 -22.73
CA GLU A 416 11.04 -8.38 -23.22
C GLU A 416 10.86 -9.42 -22.11
N ASP A 417 10.13 -10.47 -22.43
CA ASP A 417 9.85 -11.57 -21.50
C ASP A 417 9.52 -11.15 -20.07
N LEU A 418 8.52 -10.30 -19.94
CA LEU A 418 8.08 -9.85 -18.62
C LEU A 418 6.84 -10.67 -18.27
N SER A 419 6.76 -11.17 -17.05
CA SER A 419 5.63 -11.98 -16.64
C SER A 419 4.39 -11.13 -16.32
N SER A 420 3.27 -11.82 -16.05
CA SER A 420 2.01 -11.16 -15.72
C SER A 420 1.30 -11.97 -14.64
N ILE A 421 1.99 -12.18 -13.53
CA ILE A 421 1.46 -12.94 -12.41
C ILE A 421 0.97 -11.99 -11.33
N HIS A 422 -0.29 -12.14 -10.92
CA HIS A 422 -0.87 -11.27 -9.89
C HIS A 422 -1.51 -12.10 -8.79
N TRP A 423 -1.27 -11.70 -7.55
CA TRP A 423 -1.85 -12.41 -6.42
C TRP A 423 -3.28 -12.00 -6.19
N ARG A 424 -4.13 -12.99 -5.93
CA ARG A 424 -5.55 -12.73 -5.73
C ARG A 424 -6.06 -13.39 -4.46
N PHE A 425 -6.90 -12.66 -3.73
CA PHE A 425 -7.49 -13.17 -2.51
C PHE A 425 -8.52 -14.22 -2.90
N GLN A 426 -8.57 -15.31 -2.13
CA GLN A 426 -9.53 -16.38 -2.37
C GLN A 426 -10.36 -16.45 -1.10
N ARG A 427 -11.48 -15.72 -1.09
CA ARG A 427 -12.35 -15.66 0.08
C ARG A 427 -12.73 -17.03 0.63
N GLU A 428 -12.90 -18.01 -0.25
CA GLU A 428 -13.27 -19.36 0.19
C GLU A 428 -12.23 -19.92 1.14
N LEU A 429 -10.96 -19.63 0.88
CA LEU A 429 -9.89 -20.12 1.73
C LEU A 429 -9.97 -19.54 3.14
N TRP A 430 -10.47 -18.31 3.25
CA TRP A 430 -10.63 -17.70 4.56
C TRP A 430 -11.88 -18.29 5.21
N ASP A 431 -12.93 -18.52 4.41
CA ASP A 431 -14.16 -19.08 4.94
C ASP A 431 -13.92 -20.45 5.56
N GLU A 432 -13.04 -21.24 4.96
CA GLU A 432 -12.74 -22.56 5.48
C GLU A 432 -11.50 -22.60 6.36
N GLU A 433 -11.02 -21.42 6.78
CA GLU A 433 -9.87 -21.33 7.65
C GLU A 433 -10.23 -22.04 8.95
N LYS A 434 -9.41 -22.98 9.39
CA LYS A 434 -9.74 -23.70 10.62
C LYS A 434 -8.88 -23.42 11.83
N GLU A 435 -7.83 -22.62 11.69
CA GLU A 435 -6.96 -22.35 12.83
C GLU A 435 -6.81 -20.88 13.19
N ILE A 436 -6.69 -20.02 12.19
CA ILE A 436 -6.54 -18.59 12.45
C ILE A 436 -7.88 -17.95 12.77
N VAL A 437 -7.89 -17.09 13.80
CA VAL A 437 -9.10 -16.37 14.20
C VAL A 437 -8.76 -14.90 14.41
N LEU A 438 -9.80 -14.09 14.58
CA LEU A 438 -9.64 -12.66 14.81
C LEU A 438 -9.96 -12.34 16.26
#